data_6EO6
#
_entry.id   6EO6
#
_cell.length_a   94.095
_cell.length_b   94.095
_cell.length_c   124.710
_cell.angle_alpha   90.00
_cell.angle_beta   90.00
_cell.angle_gamma   120.00
#
_symmetry.space_group_name_H-M   'P 32 2 1'
#
loop_
_entity.id
_entity.type
_entity.pdbx_description
1 polymer 'GA63A - TBA MODIFIED APTAMER'
2 polymer Prothrombin
3 polymer Prothrombin
4 non-polymer 'POTASSIUM ION'
5 non-polymer D-phenylalanyl-N-[(2S,3S)-6-{[amino(iminio)methyl]amino}-1-chloro-2-hydroxyhexan-3-yl]-L-prolinamide
6 non-polymer 'SODIUM ION'
7 non-polymer 2-acetamido-2-deoxy-beta-D-glucopyranose
8 water water
#
loop_
_entity_poly.entity_id
_entity_poly.type
_entity_poly.pdbx_seq_one_letter_code
_entity_poly.pdbx_strand_id
1 'polydeoxyribonucleotide' (DG)(DG)(DT)(77Y)(DG)(DG)(DT)(DG)(DT)(DG)(DG)(DT)(DT)(DG)(DG) D
2 'polypeptide(L)' TFGSGEADCGLRPLFEKKSLEDKTERELLESYIDGR L
3 'polypeptide(L)'
;IVEGSDAEIGMSPWQVMLFRKSPQELLCGASLISDRWVLTAAHCLLYPPWDKNFTENDLLVRIGKHSRTRYERNIEKISM
LEKIYIHPRYNWRENLDRDIALMKLKKPVAFSDYIHPVCLPDRETAASLLQAGYKGRVTGWGNLKETWTANVGKGQPSVL
QVVNLPIVERPVCKDSTRIRITDNMFCAGYKPDEGKRGDACEGDSGGPFVMKSPFNNRWYQMGIVSWGEGCDRDGKYGFY
THVFRLKKWIQKVIDQFGE
;
H
#
# COMPACT_ATOMS: atom_id res chain seq x y z
N GLU B 6 -15.75 -14.39 11.91
CA GLU B 6 -15.43 -15.04 10.59
C GLU B 6 -13.91 -15.40 10.30
N ALA B 7 -12.92 -14.50 10.69
CA ALA B 7 -11.38 -14.70 10.57
C ALA B 7 -11.01 -14.84 9.08
N ASP B 8 -11.61 -14.00 8.26
CA ASP B 8 -11.60 -14.19 6.86
C ASP B 8 -10.73 -13.01 6.30
N CYS B 9 -9.68 -12.60 7.03
CA CYS B 9 -8.75 -11.58 6.40
C CYS B 9 -8.18 -12.13 5.12
N GLY B 10 -7.93 -11.27 4.11
CA GLY B 10 -7.21 -11.70 2.95
C GLY B 10 -7.89 -12.59 1.98
N LEU B 11 -9.21 -12.86 2.12
CA LEU B 11 -9.99 -13.61 1.22
C LEU B 11 -11.00 -12.72 0.61
N ARG B 12 -10.85 -12.49 -0.69
CA ARG B 12 -11.65 -11.47 -1.33
C ARG B 12 -13.05 -11.97 -1.69
N PRO B 13 -14.09 -11.21 -1.35
CA PRO B 13 -15.42 -11.62 -1.72
C PRO B 13 -15.63 -11.92 -3.17
N LEU B 14 -15.00 -11.18 -4.08
CA LEU B 14 -15.24 -11.42 -5.48
C LEU B 14 -14.28 -12.36 -6.19
N PHE B 15 -13.35 -12.96 -5.48
CA PHE B 15 -12.34 -13.81 -6.01
C PHE B 15 -12.27 -15.07 -5.18
N GLU B 16 -11.48 -15.14 -4.15
CA GLU B 16 -11.27 -16.36 -3.37
C GLU B 16 -12.64 -16.93 -2.90
N LYS B 17 -13.54 -16.07 -2.45
N LYS B 17 -13.53 -16.06 -2.48
CA LYS B 17 -14.82 -16.58 -1.95
CA LYS B 17 -14.80 -16.57 -1.96
C LYS B 17 -15.76 -17.13 -3.04
C LYS B 17 -15.68 -17.20 -3.02
N LYS B 18 -15.47 -16.84 -4.29
CA LYS B 18 -16.23 -17.32 -5.43
C LYS B 18 -15.42 -18.37 -6.22
N SER B 19 -14.27 -18.79 -5.75
CA SER B 19 -13.37 -19.70 -6.47
C SER B 19 -13.07 -19.13 -7.82
N LEU B 20 -12.86 -17.79 -7.90
CA LEU B 20 -12.55 -17.13 -9.13
C LEU B 20 -11.12 -16.57 -8.98
N GLU B 21 -10.27 -16.76 -10.00
CA GLU B 21 -8.92 -16.15 -10.03
C GLU B 21 -8.94 -14.82 -10.72
N ASP B 22 -8.15 -13.84 -10.19
CA ASP B 22 -8.02 -12.60 -10.89
C ASP B 22 -7.05 -12.79 -12.11
N LYS B 23 -6.90 -11.78 -12.92
CA LYS B 23 -6.19 -11.99 -14.22
C LYS B 23 -4.71 -12.19 -14.09
N THR B 24 -4.05 -11.77 -13.01
CA THR B 24 -2.61 -11.97 -12.89
C THR B 24 -2.07 -12.65 -11.68
N GLU B 25 -2.93 -13.15 -10.79
CA GLU B 25 -2.44 -13.81 -9.63
C GLU B 25 -1.59 -15.05 -9.87
N ARG B 26 -1.86 -15.68 -11.01
CA ARG B 26 -1.06 -16.87 -11.38
C ARG B 26 0.44 -16.54 -11.51
N GLU B 27 0.70 -15.31 -11.94
CA GLU B 27 2.10 -14.85 -12.00
C GLU B 27 2.76 -14.89 -10.70
N LEU B 28 2.01 -14.50 -9.65
CA LEU B 28 2.56 -14.50 -8.32
C LEU B 28 2.89 -15.97 -7.94
N LEU B 29 1.86 -16.81 -8.05
CA LEU B 29 2.06 -18.28 -7.68
C LEU B 29 3.27 -18.92 -8.43
N GLU B 30 3.36 -18.61 -9.69
CA GLU B 30 4.50 -19.13 -10.54
C GLU B 30 5.84 -18.63 -10.10
N SER B 31 5.89 -17.42 -9.47
CA SER B 31 7.14 -16.97 -8.99
C SER B 31 7.65 -17.77 -7.85
N TYR B 32 6.82 -18.47 -7.08
CA TYR B 32 7.30 -19.32 -6.00
C TYR B 32 8.00 -20.63 -6.50
N ILE B 33 7.77 -20.91 -7.75
CA ILE B 33 8.42 -22.07 -8.46
C ILE B 33 9.70 -21.61 -9.15
N ASP B 34 9.55 -20.74 -10.16
CA ASP B 34 10.61 -20.35 -11.11
C ASP B 34 11.57 -19.31 -10.54
N ILE C 1 1.43 4.26 -10.16
CA ILE C 1 1.95 2.96 -10.62
C ILE C 1 2.36 3.12 -12.10
N VAL C 2 3.62 2.76 -12.35
CA VAL C 2 4.20 2.77 -13.70
C VAL C 2 4.15 1.38 -14.25
N GLU C 3 3.70 1.32 -15.53
CA GLU C 3 3.70 0.10 -16.33
C GLU C 3 2.87 -0.98 -15.66
N GLY C 4 1.80 -0.58 -14.98
CA GLY C 4 0.81 -1.51 -14.42
C GLY C 4 -0.44 -1.59 -15.32
N SER C 5 -1.55 -2.08 -14.81
CA SER C 5 -2.76 -2.09 -15.55
C SER C 5 -3.93 -1.79 -14.66
N ASP C 6 -5.09 -1.57 -15.23
CA ASP C 6 -6.28 -1.26 -14.46
C ASP C 6 -6.63 -2.45 -13.56
N ALA C 7 -6.89 -2.17 -12.30
CA ALA C 7 -7.34 -3.21 -11.39
C ALA C 7 -8.70 -3.71 -11.81
N GLU C 8 -8.95 -5.00 -11.56
CA GLU C 8 -10.33 -5.48 -11.63
C GLU C 8 -11.15 -4.98 -10.47
N ILE C 9 -12.47 -4.93 -10.65
CA ILE C 9 -13.38 -4.64 -9.54
C ILE C 9 -13.22 -5.67 -8.44
N GLY C 10 -13.04 -5.15 -7.21
CA GLY C 10 -12.87 -5.99 -6.04
C GLY C 10 -11.51 -6.70 -5.91
N MET C 11 -10.54 -6.33 -6.74
CA MET C 11 -9.24 -7.04 -6.76
C MET C 11 -8.42 -6.76 -5.51
N SER C 12 -8.60 -5.57 -4.95
N SER C 12 -8.62 -5.57 -4.94
CA SER C 12 -7.82 -5.11 -3.79
CA SER C 12 -7.83 -5.04 -3.81
C SER C 12 -8.75 -4.42 -2.83
C SER C 12 -8.77 -4.39 -2.82
N PRO C 13 -9.63 -5.18 -2.19
CA PRO C 13 -10.72 -4.60 -1.39
C PRO C 13 -10.30 -3.96 -0.09
N TRP C 14 -9.03 -4.15 0.24
CA TRP C 14 -8.32 -3.48 1.32
C TRP C 14 -7.70 -2.14 0.93
N GLN C 15 -7.78 -1.77 -0.36
CA GLN C 15 -7.12 -0.53 -0.79
C GLN C 15 -7.90 0.64 -0.23
N VAL C 16 -7.16 1.58 0.32
CA VAL C 16 -7.77 2.78 0.91
C VAL C 16 -7.12 4.01 0.26
N MET C 17 -7.93 5.04 0.04
CA MET C 17 -7.47 6.36 -0.45
C MET C 17 -7.44 7.33 0.69
N LEU C 18 -6.31 7.95 0.95
N LEU C 18 -6.31 7.95 0.95
CA LEU C 18 -6.23 9.00 1.96
CA LEU C 18 -6.26 9.03 1.92
C LEU C 18 -6.47 10.34 1.20
C LEU C 18 -6.50 10.34 1.17
N PHE C 19 -7.46 11.08 1.70
CA PHE C 19 -8.03 12.24 0.95
C PHE C 19 -7.98 13.50 1.82
N ARG C 20 -7.42 14.56 1.28
CA ARG C 20 -7.30 15.81 2.04
C ARG C 20 -8.67 16.52 2.00
N LYS C 21 -9.12 17.02 3.13
CA LYS C 21 -10.46 17.70 3.20
C LYS C 21 -10.48 18.97 2.37
N SER C 22 -9.42 19.77 2.44
CA SER C 22 -9.45 21.13 1.87
C SER C 22 -8.07 21.64 1.70
N PRO C 23 -7.58 21.86 0.48
CA PRO C 23 -8.24 21.50 -0.79
C PRO C 23 -8.48 20.02 -0.99
N GLN C 24 -9.48 19.71 -1.82
CA GLN C 24 -9.95 18.33 -2.06
C GLN C 24 -8.98 17.62 -2.94
N GLU C 25 -8.06 16.80 -2.33
CA GLU C 25 -7.17 16.07 -3.20
C GLU C 25 -6.70 14.73 -2.65
N LEU C 26 -6.30 13.88 -3.61
N LEU C 26 -6.24 13.91 -3.56
CA LEU C 26 -5.63 12.59 -3.32
CA LEU C 26 -5.74 12.59 -3.15
C LEU C 26 -4.41 12.99 -2.47
C LEU C 26 -4.28 12.73 -2.65
N LEU C 27 -4.18 12.27 -1.39
N LEU C 27 -4.08 12.35 -1.40
CA LEU C 27 -2.98 12.43 -0.55
CA LEU C 27 -2.76 12.40 -0.77
C LEU C 27 -2.01 11.24 -0.64
C LEU C 27 -1.94 11.18 -1.01
N CYS C 28 -2.55 10.03 -0.76
CA CYS C 28 -1.73 8.78 -0.59
C CYS C 28 -2.72 7.63 -0.67
N GLY C 29 -2.12 6.41 -0.79
CA GLY C 29 -2.82 5.19 -0.51
C GLY C 29 -2.68 4.78 0.93
N ALA C 30 -3.36 3.67 1.25
CA ALA C 30 -3.43 3.16 2.61
C ALA C 30 -4.05 1.79 2.48
N SER C 31 -4.12 1.04 3.55
CA SER C 31 -4.72 -0.29 3.55
C SER C 31 -5.61 -0.53 4.77
N LEU C 32 -6.66 -1.30 4.57
CA LEU C 32 -7.60 -1.65 5.65
C LEU C 32 -7.16 -2.98 6.29
N ILE C 33 -6.86 -2.92 7.59
CA ILE C 33 -6.35 -4.10 8.33
C ILE C 33 -7.36 -4.61 9.37
N SER C 34 -8.44 -3.91 9.56
CA SER C 34 -9.57 -4.46 10.42
C SER C 34 -10.79 -3.64 10.09
N ASP C 35 -11.86 -3.70 10.95
CA ASP C 35 -12.91 -2.72 10.84
C ASP C 35 -12.70 -1.33 11.26
N ARG C 36 -11.58 -1.08 11.95
CA ARG C 36 -11.35 0.18 12.50
C ARG C 36 -9.96 0.79 12.34
N TRP C 37 -9.04 0.01 11.76
CA TRP C 37 -7.68 0.44 11.66
C TRP C 37 -7.21 0.41 10.15
N VAL C 38 -6.57 1.50 9.79
CA VAL C 38 -5.95 1.68 8.44
C VAL C 38 -4.47 1.89 8.65
N LEU C 39 -3.69 1.25 7.80
CA LEU C 39 -2.27 1.38 7.77
C LEU C 39 -1.84 2.27 6.60
N THR C 40 -0.82 3.10 6.80
CA THR C 40 -0.31 3.93 5.68
C THR C 40 1.17 4.24 5.98
N ALA C 41 1.79 5.00 5.08
CA ALA C 41 3.15 5.46 5.29
C ALA C 41 3.10 6.71 6.14
N ALA C 42 4.03 6.83 7.11
CA ALA C 42 4.14 8.04 7.91
C ALA C 42 4.33 9.34 7.12
N HIS C 43 5.08 9.31 6.02
CA HIS C 43 5.41 10.49 5.27
C HIS C 43 4.15 11.08 4.57
N CYS C 44 3.08 10.26 4.41
CA CYS C 44 1.80 10.74 3.92
C CYS C 44 1.19 11.74 4.92
N LEU C 45 1.52 11.57 6.22
CA LEU C 45 0.94 12.41 7.28
C LEU C 45 1.94 13.48 7.79
N LEU C 46 3.21 13.09 7.85
CA LEU C 46 4.27 13.96 8.47
C LEU C 46 5.50 13.94 7.60
N TYR C 47 5.77 15.10 6.99
CA TYR C 47 6.93 15.31 6.23
C TYR C 47 7.32 16.81 6.23
N PRO C 48 8.08 17.20 7.26
CA PRO C 48 8.35 18.66 7.41
C PRO C 48 9.09 19.33 6.27
N PRO C 49 9.91 18.60 5.52
CA PRO C 49 10.45 19.28 4.33
C PRO C 49 9.50 19.73 3.27
N TRP C 50 8.32 19.16 3.24
CA TRP C 50 7.33 19.60 2.31
C TRP C 50 6.25 20.34 3.03
N ASP C 51 6.52 20.70 4.27
CA ASP C 51 5.51 21.39 5.04
C ASP C 51 4.28 20.59 5.31
N LYS C 52 4.40 19.29 5.53
CA LYS C 52 3.26 18.46 5.71
C LYS C 52 3.21 17.98 7.10
N ASN C 53 2.09 18.21 7.79
CA ASN C 53 1.89 17.78 9.11
C ASN C 53 0.40 17.73 9.33
N PHE C 54 -0.22 16.66 8.90
CA PHE C 54 -1.69 16.60 8.99
C PHE C 54 -2.18 16.15 10.30
N THR C 55 -3.27 16.78 10.75
N THR C 55 -3.29 16.72 10.74
CA THR C 55 -4.01 16.31 11.91
CA THR C 55 -3.97 16.20 11.89
C THR C 55 -5.24 15.46 11.45
C THR C 55 -5.23 15.43 11.44
N GLU C 56 -5.84 14.75 12.38
CA GLU C 56 -7.04 13.94 12.15
C GLU C 56 -8.12 14.65 11.36
N ASN C 57 -8.40 15.91 11.71
N ASN C 57 -8.39 15.94 11.67
CA ASN C 57 -9.44 16.68 11.07
CA ASN C 57 -9.47 16.68 11.02
C ASN C 57 -9.15 17.14 9.66
C ASN C 57 -9.16 17.16 9.64
N ASP C 58 -7.90 17.06 9.21
CA ASP C 58 -7.55 17.48 7.92
C ASP C 58 -7.85 16.45 6.81
N LEU C 59 -8.16 15.22 7.18
CA LEU C 59 -8.12 14.10 6.27
C LEU C 59 -9.38 13.21 6.43
N LEU C 60 -9.68 12.49 5.35
CA LEU C 60 -10.66 11.43 5.35
C LEU C 60 -10.04 10.19 4.75
N VAL C 61 -10.65 9.03 5.01
CA VAL C 61 -10.30 7.77 4.38
C VAL C 61 -11.44 7.31 3.49
N ARG C 62 -11.16 6.98 2.25
CA ARG C 62 -12.16 6.48 1.35
C ARG C 62 -11.90 5.06 0.96
N ILE C 63 -12.83 4.17 1.22
CA ILE C 63 -12.64 2.75 1.17
C ILE C 63 -13.59 2.16 0.13
N GLY C 64 -13.17 1.14 -0.59
CA GLY C 64 -14.02 0.48 -1.59
C GLY C 64 -13.97 1.09 -3.00
N LYS C 65 -12.95 1.90 -3.29
CA LYS C 65 -12.91 2.69 -4.51
C LYS C 65 -12.24 1.99 -5.65
N HIS C 66 -12.58 2.47 -6.89
CA HIS C 66 -12.01 2.03 -8.12
C HIS C 66 -11.60 3.25 -8.94
N SER C 67 -12.57 4.08 -9.25
CA SER C 67 -12.26 5.39 -9.86
C SER C 67 -11.39 6.26 -9.00
N ARG C 68 -10.43 6.94 -9.61
CA ARG C 68 -9.62 7.89 -8.88
C ARG C 68 -10.39 9.07 -8.35
N THR C 69 -11.21 9.70 -9.25
CA THR C 69 -11.75 11.00 -8.89
C THR C 69 -13.22 11.00 -8.57
N ARG C 70 -13.96 10.01 -9.03
CA ARG C 70 -15.40 10.07 -8.83
C ARG C 70 -15.80 9.53 -7.49
N TYR C 71 -16.77 10.15 -6.87
CA TYR C 71 -17.43 9.63 -5.73
C TYR C 71 -18.27 8.48 -6.19
N GLU C 72 -17.96 7.28 -5.72
CA GLU C 72 -18.59 6.09 -6.20
C GLU C 72 -19.78 5.73 -5.35
N ARG C 73 -20.81 6.48 -5.65
CA ARG C 73 -22.03 6.48 -4.92
C ARG C 73 -22.47 5.17 -4.55
N ASN C 74 -22.68 4.22 -5.24
CA ASN C 74 -23.29 3.50 -3.56
C ASN C 74 -22.37 2.35 -2.99
N ILE C 75 -21.08 2.64 -3.24
N ILE C 75 -21.09 2.67 -3.07
CA ILE C 75 -20.02 1.65 -3.36
CA ILE C 75 -20.05 1.65 -3.14
C ILE C 75 -18.93 1.99 -2.34
C ILE C 75 -19.00 2.07 -2.15
N GLU C 76 -18.36 3.21 -2.41
CA GLU C 76 -17.37 3.61 -1.45
C GLU C 76 -17.90 4.05 -0.15
N LYS C 77 -17.08 3.96 0.88
CA LYS C 77 -17.40 4.40 2.23
C LYS C 77 -16.39 5.33 2.70
N ILE C 78 -16.85 6.45 3.26
CA ILE C 78 -15.95 7.54 3.73
C ILE C 78 -15.92 7.55 5.21
N SER C 79 -14.74 7.52 5.81
CA SER C 79 -14.60 7.50 7.24
C SER C 79 -13.76 8.64 7.69
N MET C 80 -14.08 9.14 8.89
CA MET C 80 -13.26 10.14 9.56
C MET C 80 -12.31 9.48 10.51
N LEU C 81 -11.29 10.19 10.96
N LEU C 81 -11.25 10.21 10.83
CA LEU C 81 -10.28 9.61 11.83
CA LEU C 81 -10.17 9.73 11.67
C LEU C 81 -10.45 9.93 13.34
C LEU C 81 -10.42 10.23 13.10
N GLU C 82 -10.37 8.92 14.17
N GLU C 82 -10.32 9.29 14.03
CA GLU C 82 -10.29 9.22 15.60
CA GLU C 82 -10.31 9.52 15.48
C GLU C 82 -8.90 9.82 15.86
C GLU C 82 -8.89 9.72 16.02
N LYS C 83 -7.87 9.06 15.49
CA LYS C 83 -6.52 9.37 15.93
C LYS C 83 -5.51 8.79 14.93
N ILE C 84 -4.47 9.53 14.78
CA ILE C 84 -3.24 9.10 14.03
C ILE C 84 -2.15 8.69 14.97
N TYR C 85 -1.47 7.61 14.68
CA TYR C 85 -0.30 7.08 15.40
C TYR C 85 0.86 6.93 14.44
N ILE C 86 1.84 7.81 14.56
CA ILE C 86 3.06 7.76 13.70
C ILE C 86 4.14 6.96 14.49
N HIS C 87 4.90 6.08 13.85
CA HIS C 87 5.95 5.37 14.54
C HIS C 87 6.86 6.40 15.22
N PRO C 88 7.12 6.19 16.55
CA PRO C 88 7.93 7.19 17.22
C PRO C 88 9.38 7.32 16.75
N ARG C 89 9.91 6.31 16.09
CA ARG C 89 11.21 6.38 15.46
C ARG C 89 11.25 6.50 13.93
N TYR C 90 10.13 7.00 13.40
CA TYR C 90 10.10 7.43 11.96
C TYR C 90 11.12 8.48 11.70
N ASN C 91 11.97 8.24 10.75
CA ASN C 91 13.12 9.15 10.46
C ASN C 91 12.88 9.88 9.18
N TRP C 92 12.21 10.99 9.27
CA TRP C 92 11.95 11.79 8.09
C TRP C 92 13.20 12.61 7.72
N ARG C 93 14.09 12.83 8.71
CA ARG C 93 15.28 13.69 8.39
C ARG C 93 16.18 13.00 7.37
N GLU C 94 16.36 11.68 7.45
CA GLU C 94 17.38 11.04 6.66
C GLU C 94 16.87 10.14 5.51
N ASN C 95 16.21 9.04 5.84
CA ASN C 95 15.96 7.93 4.91
C ASN C 95 14.54 7.30 4.98
N LEU C 96 13.65 7.96 5.68
CA LEU C 96 12.29 7.51 5.88
C LEU C 96 12.29 6.18 6.53
N ASP C 97 13.27 5.95 7.40
CA ASP C 97 13.23 4.74 8.18
C ASP C 97 11.96 4.66 9.04
N ARG C 98 11.36 3.46 9.02
CA ARG C 98 10.14 3.23 9.75
C ARG C 98 8.97 4.09 9.28
N ASP C 99 8.81 4.06 7.94
CA ASP C 99 7.80 4.87 7.33
C ASP C 99 6.44 4.23 7.42
N ILE C 100 5.83 4.42 8.58
CA ILE C 100 4.64 3.63 8.95
C ILE C 100 3.80 4.48 9.90
N ALA C 101 2.49 4.42 9.71
CA ALA C 101 1.52 5.05 10.56
C ALA C 101 0.23 4.28 10.58
N LEU C 102 -0.52 4.39 11.71
CA LEU C 102 -1.82 3.80 11.88
C LEU C 102 -2.82 4.86 12.06
N MET C 103 -4.02 4.64 11.50
CA MET C 103 -5.10 5.58 11.64
C MET C 103 -6.32 4.82 12.13
N LYS C 104 -6.87 5.24 13.31
CA LYS C 104 -8.07 4.66 13.90
C LYS C 104 -9.25 5.44 13.44
N LEU C 105 -10.23 4.74 12.88
CA LEU C 105 -11.42 5.31 12.33
C LEU C 105 -12.40 5.70 13.49
N LYS C 106 -13.14 6.76 13.27
CA LYS C 106 -14.13 7.15 14.32
C LYS C 106 -15.18 6.10 14.58
N LYS C 107 -15.59 5.37 13.57
CA LYS C 107 -16.52 4.25 13.72
C LYS C 107 -16.07 3.06 12.87
N PRO C 108 -16.38 1.89 13.26
CA PRO C 108 -16.09 0.73 12.43
C PRO C 108 -16.80 0.77 11.09
N VAL C 109 -16.22 0.10 10.11
N VAL C 109 -16.17 0.21 10.04
CA VAL C 109 -16.81 0.07 8.80
CA VAL C 109 -16.69 0.13 8.67
C VAL C 109 -17.33 -1.29 8.54
C VAL C 109 -17.32 -1.24 8.53
N ALA C 110 -18.50 -1.32 7.92
CA ALA C 110 -19.10 -2.60 7.55
C ALA C 110 -18.42 -3.05 6.23
N PHE C 111 -18.13 -4.31 6.15
CA PHE C 111 -17.47 -4.85 5.00
C PHE C 111 -18.46 -5.06 3.86
N SER C 112 -17.97 -5.27 2.65
CA SER C 112 -18.82 -5.46 1.49
C SER C 112 -18.03 -6.28 0.46
N ASP C 113 -18.58 -6.42 -0.75
CA ASP C 113 -17.79 -7.08 -1.81
C ASP C 113 -16.55 -6.24 -2.18
N TYR C 114 -16.56 -4.96 -1.85
CA TYR C 114 -15.55 -3.99 -2.27
C TYR C 114 -14.67 -3.56 -1.19
N ILE C 115 -14.98 -3.96 0.05
CA ILE C 115 -14.33 -3.43 1.24
C ILE C 115 -14.07 -4.61 2.16
N HIS C 116 -12.80 -4.93 2.38
CA HIS C 116 -12.46 -6.18 3.14
C HIS C 116 -11.01 -6.05 3.56
N PRO C 117 -10.67 -6.55 4.77
CA PRO C 117 -9.30 -6.34 5.26
C PRO C 117 -8.34 -7.36 4.74
N VAL C 118 -7.10 -6.89 4.61
CA VAL C 118 -5.93 -7.76 4.29
C VAL C 118 -5.43 -8.38 5.59
N CYS C 119 -4.65 -9.47 5.45
CA CYS C 119 -4.01 -10.05 6.64
C CYS C 119 -2.67 -9.43 6.85
N LEU C 120 -2.20 -9.38 8.09
CA LEU C 120 -0.80 -9.05 8.35
C LEU C 120 -0.03 -10.32 8.62
N PRO C 121 1.20 -10.41 8.17
CA PRO C 121 1.96 -11.66 8.27
C PRO C 121 2.46 -11.90 9.69
N ASP C 122 2.47 -13.18 10.01
CA ASP C 122 3.24 -13.54 11.21
C ASP C 122 4.67 -13.94 10.78
N ARG C 123 5.50 -14.32 11.78
CA ARG C 123 6.94 -14.59 11.51
C ARG C 123 7.11 -15.62 10.49
N GLU C 124 6.36 -16.69 10.57
CA GLU C 124 6.49 -17.75 9.63
C GLU C 124 6.14 -17.38 8.20
N THR C 125 5.05 -16.63 8.07
CA THR C 125 4.61 -16.19 6.77
C THR C 125 5.65 -15.27 6.16
N ALA C 126 6.17 -14.35 6.96
CA ALA C 126 7.16 -13.45 6.51
C ALA C 126 8.42 -14.17 6.08
N ALA C 127 8.82 -15.18 6.85
CA ALA C 127 10.08 -15.88 6.47
C ALA C 127 9.88 -16.68 5.23
N SER C 128 8.71 -17.22 5.05
CA SER C 128 8.38 -18.00 3.91
C SER C 128 8.25 -17.22 2.60
N LEU C 129 7.58 -16.07 2.69
CA LEU C 129 7.16 -15.35 1.46
C LEU C 129 8.12 -14.22 1.05
N LEU C 130 8.81 -13.65 2.01
CA LEU C 130 9.64 -12.45 1.73
C LEU C 130 11.00 -12.87 1.32
N GLN C 131 11.10 -13.42 0.12
CA GLN C 131 12.31 -13.93 -0.46
C GLN C 131 12.52 -13.33 -1.83
N ALA C 132 13.81 -13.12 -2.12
CA ALA C 132 14.11 -12.59 -3.41
C ALA C 132 13.69 -13.43 -4.49
N GLY C 133 13.11 -12.81 -5.52
CA GLY C 133 12.56 -13.40 -6.70
C GLY C 133 11.08 -13.81 -6.65
N TYR C 134 10.56 -13.94 -5.44
CA TYR C 134 9.12 -14.09 -5.28
C TYR C 134 8.47 -12.74 -5.65
N LYS C 135 7.28 -12.79 -6.19
CA LYS C 135 6.61 -11.56 -6.60
C LYS C 135 5.44 -11.24 -5.67
N GLY C 136 5.30 -9.97 -5.42
CA GLY C 136 4.10 -9.42 -4.84
C GLY C 136 3.47 -8.37 -5.72
N ARG C 137 2.47 -7.68 -5.16
CA ARG C 137 1.54 -6.87 -5.95
C ARG C 137 1.36 -5.54 -5.28
N VAL C 138 1.52 -4.45 -6.01
CA VAL C 138 1.37 -3.09 -5.54
C VAL C 138 0.25 -2.44 -6.26
N THR C 139 -0.53 -1.63 -5.57
CA THR C 139 -1.69 -0.97 -6.08
C THR C 139 -1.72 0.50 -5.70
N GLY C 140 -2.29 1.34 -6.57
CA GLY C 140 -2.39 2.74 -6.23
C GLY C 140 -2.97 3.63 -7.35
N TRP C 141 -3.29 4.85 -6.93
CA TRP C 141 -3.76 5.88 -7.85
C TRP C 141 -2.68 6.90 -8.15
N GLY C 142 -1.42 6.61 -7.85
CA GLY C 142 -0.33 7.55 -8.11
C GLY C 142 0.02 7.72 -9.59
N ASN C 143 1.08 8.49 -9.78
CA ASN C 143 1.47 8.82 -11.15
C ASN C 143 1.81 7.61 -11.97
N LEU C 144 1.45 7.74 -13.26
CA LEU C 144 1.76 6.74 -14.22
C LEU C 144 3.19 6.74 -14.78
N LYS C 145 3.89 7.79 -14.48
CA LYS C 145 5.29 7.91 -14.85
C LYS C 145 5.85 8.93 -14.00
N GLU C 146 7.18 8.97 -14.04
CA GLU C 146 7.90 9.92 -13.29
C GLU C 146 7.53 11.24 -13.82
N THR C 147 7.19 12.21 -13.04
CA THR C 147 6.52 13.27 -13.81
C THR C 147 7.44 14.49 -14.00
N TRP C 148 7.67 14.87 -15.28
CA TRP C 148 8.47 16.03 -15.75
C TRP C 148 7.48 16.96 -16.49
N THR C 149 6.48 17.67 -15.91
CA THR C 149 6.28 18.37 -14.58
C THR C 149 5.62 19.66 -15.14
N ALA C 150 5.40 20.73 -14.37
CA ALA C 150 4.80 20.69 -13.05
C ALA C 150 3.38 21.20 -13.32
N ASN C 151 2.37 20.36 -13.10
CA ASN C 151 1.05 20.50 -13.71
C ASN C 151 0.30 19.22 -13.32
N VAL C 152 0.71 18.11 -13.96
CA VAL C 152 0.05 16.77 -13.97
C VAL C 152 -1.47 16.73 -14.28
N GLY C 153 -1.83 15.85 -15.20
CA GLY C 153 -3.22 15.53 -15.51
C GLY C 153 -3.30 14.22 -16.25
N LYS C 154 -2.67 14.23 -17.43
CA LYS C 154 -2.45 13.02 -18.25
C LYS C 154 -1.56 11.97 -17.51
N GLY C 155 -0.79 12.40 -16.46
CA GLY C 155 0.07 11.53 -15.72
C GLY C 155 -0.70 10.72 -14.65
N GLN C 156 -1.99 10.93 -14.51
CA GLN C 156 -2.79 10.27 -13.42
C GLN C 156 -3.80 9.28 -13.99
N PRO C 157 -3.99 8.12 -13.35
CA PRO C 157 -4.88 7.14 -13.93
C PRO C 157 -6.32 7.40 -13.66
N SER C 158 -7.23 6.89 -14.50
N SER C 158 -7.18 6.86 -14.52
CA SER C 158 -8.66 7.07 -14.26
CA SER C 158 -8.59 7.01 -14.32
C SER C 158 -9.17 6.08 -13.19
C SER C 158 -9.09 6.13 -13.19
N VAL C 159 -8.50 4.93 -13.10
CA VAL C 159 -8.87 3.92 -12.09
C VAL C 159 -7.62 3.35 -11.41
N LEU C 160 -7.88 2.72 -10.25
CA LEU C 160 -6.81 2.07 -9.51
C LEU C 160 -5.94 1.19 -10.40
N GLN C 161 -4.61 1.33 -10.23
CA GLN C 161 -3.66 0.53 -10.99
C GLN C 161 -3.00 -0.58 -10.15
N VAL C 162 -2.57 -1.65 -10.80
CA VAL C 162 -1.95 -2.79 -10.21
C VAL C 162 -0.71 -3.20 -10.95
N VAL C 163 0.32 -3.58 -10.24
CA VAL C 163 1.48 -4.16 -10.88
C VAL C 163 2.07 -5.22 -9.98
N ASN C 164 2.54 -6.33 -10.59
CA ASN C 164 3.22 -7.35 -9.83
C ASN C 164 4.75 -7.21 -10.00
N LEU C 165 5.50 -7.33 -8.92
CA LEU C 165 6.91 -7.06 -8.95
C LEU C 165 7.66 -8.02 -8.10
N PRO C 166 8.88 -8.42 -8.50
CA PRO C 166 9.67 -9.34 -7.67
C PRO C 166 10.45 -8.68 -6.60
N ILE C 167 10.50 -9.25 -5.42
CA ILE C 167 11.36 -8.87 -4.35
C ILE C 167 12.84 -9.03 -4.79
N VAL C 168 13.62 -8.04 -4.42
CA VAL C 168 15.05 -7.99 -4.84
C VAL C 168 15.94 -8.28 -3.67
N GLU C 169 17.12 -8.95 -3.99
CA GLU C 169 18.07 -9.21 -2.94
C GLU C 169 18.61 -8.03 -2.29
N ARG C 170 18.79 -8.07 -1.00
CA ARG C 170 19.19 -6.92 -0.22
C ARG C 170 20.48 -6.21 -0.74
N PRO C 171 21.54 -6.99 -1.03
CA PRO C 171 22.76 -6.31 -1.55
C PRO C 171 22.50 -5.53 -2.83
N VAL C 172 21.62 -6.00 -3.68
CA VAL C 172 21.22 -5.27 -4.88
C VAL C 172 20.48 -3.97 -4.50
N CYS C 173 19.50 -4.07 -3.57
CA CYS C 173 18.79 -2.88 -3.05
C CYS C 173 19.84 -1.88 -2.56
N LYS C 174 20.79 -2.38 -1.75
CA LYS C 174 21.76 -1.49 -1.11
C LYS C 174 22.64 -0.80 -2.15
N ASP C 175 23.12 -1.57 -3.09
CA ASP C 175 24.07 -0.99 -4.06
C ASP C 175 23.35 -0.03 -5.03
N SER C 176 22.00 -0.08 -5.13
CA SER C 176 21.22 0.69 -6.09
C SER C 176 21.09 2.15 -5.69
N THR C 177 21.47 2.54 -4.46
CA THR C 177 21.19 3.83 -3.98
C THR C 177 22.21 4.25 -2.98
N ARG C 178 22.41 5.54 -2.79
CA ARG C 178 23.28 6.03 -1.72
C ARG C 178 22.52 6.42 -0.52
N ILE C 179 21.18 6.30 -0.56
CA ILE C 179 20.39 6.49 0.63
C ILE C 179 20.59 5.25 1.49
N ARG C 180 20.73 5.46 2.78
CA ARG C 180 21.02 4.36 3.72
C ARG C 180 19.77 3.45 3.87
N ILE C 181 19.87 2.25 3.49
CA ILE C 181 18.74 1.33 3.64
C ILE C 181 18.83 0.65 4.94
N THR C 182 17.70 0.18 5.43
CA THR C 182 17.65 -0.49 6.76
C THR C 182 16.89 -1.76 6.66
N ASP C 183 16.96 -2.54 7.73
CA ASP C 183 16.14 -3.70 7.83
C ASP C 183 14.66 -3.45 7.95
N ASN C 184 14.25 -2.21 8.14
CA ASN C 184 12.85 -1.82 8.20
C ASN C 184 12.32 -1.55 6.74
N MET C 185 13.10 -1.87 5.74
CA MET C 185 12.77 -1.69 4.35
C MET C 185 13.04 -2.90 3.59
N PHE C 186 12.38 -3.09 2.43
CA PHE C 186 12.84 -4.02 1.39
C PHE C 186 12.60 -3.30 0.06
N CYS C 187 13.20 -3.84 -0.96
CA CYS C 187 13.03 -3.30 -2.32
C CYS C 187 12.49 -4.34 -3.28
N ALA C 188 11.83 -3.88 -4.34
CA ALA C 188 11.20 -4.73 -5.32
C ALA C 188 11.17 -4.08 -6.67
N GLY C 189 11.16 -4.89 -7.72
CA GLY C 189 11.23 -4.41 -9.07
C GLY C 189 12.12 -5.29 -9.92
N TYR C 190 11.95 -5.17 -11.17
CA TYR C 190 12.74 -5.94 -12.14
C TYR C 190 14.11 -5.29 -12.32
N LYS C 191 15.13 -6.16 -12.47
CA LYS C 191 16.48 -5.74 -12.92
C LYS C 191 16.49 -5.40 -14.36
N PRO C 192 17.47 -4.57 -14.77
CA PRO C 192 17.51 -4.27 -16.19
C PRO C 192 17.62 -5.52 -17.07
N ASP C 193 18.36 -6.49 -16.53
CA ASP C 193 18.59 -7.78 -17.31
C ASP C 193 17.34 -8.67 -17.39
N GLU C 194 16.22 -8.31 -16.71
CA GLU C 194 15.00 -9.10 -16.76
C GLU C 194 14.07 -8.67 -17.77
N GLY C 195 14.31 -7.50 -18.36
CA GLY C 195 13.35 -7.08 -19.39
C GLY C 195 12.04 -6.36 -19.00
N LYS C 196 11.20 -7.00 -18.16
N LYS C 196 11.35 -6.89 -18.00
CA LYS C 196 9.87 -6.46 -17.74
CA LYS C 196 10.01 -6.41 -17.69
C LYS C 196 10.12 -5.19 -16.90
C LYS C 196 10.16 -5.15 -16.87
N ARG C 197 9.09 -4.38 -16.74
CA ARG C 197 9.24 -3.09 -16.04
C ARG C 197 8.12 -2.98 -15.03
N GLY C 198 8.14 -1.85 -14.33
CA GLY C 198 7.07 -1.57 -13.38
C GLY C 198 7.60 -1.04 -12.05
N ASP C 199 6.81 -0.18 -11.44
CA ASP C 199 7.20 0.40 -10.16
C ASP C 199 5.97 1.15 -9.61
N ALA C 200 6.01 1.48 -8.32
CA ALA C 200 5.17 2.48 -7.70
C ALA C 200 5.77 3.85 -8.06
N CYS C 201 5.10 4.90 -7.66
CA CYS C 201 5.54 6.24 -7.98
C CYS C 201 4.93 7.17 -6.99
N GLU C 202 5.25 8.47 -7.15
CA GLU C 202 4.64 9.48 -6.28
C GLU C 202 3.12 9.38 -6.35
N GLY C 203 2.48 9.51 -5.16
CA GLY C 203 1.06 9.37 -4.95
C GLY C 203 0.62 7.92 -4.58
N ASP C 204 1.53 6.94 -4.72
CA ASP C 204 1.29 5.58 -4.34
C ASP C 204 1.65 5.26 -2.91
N SER C 205 2.39 6.13 -2.26
CA SER C 205 2.81 5.90 -0.86
C SER C 205 1.66 5.48 -0.03
N GLY C 206 1.94 4.57 0.89
CA GLY C 206 0.94 4.13 1.81
C GLY C 206 0.16 2.94 1.35
N GLY C 207 0.15 2.75 0.04
CA GLY C 207 -0.46 1.57 -0.53
C GLY C 207 0.28 0.26 -0.19
N PRO C 208 -0.47 -0.81 -0.23
CA PRO C 208 0.13 -2.08 0.17
C PRO C 208 0.86 -2.84 -0.90
N PHE C 209 1.97 -3.52 -0.53
CA PHE C 209 2.64 -4.55 -1.30
C PHE C 209 2.16 -5.86 -0.68
N VAL C 210 1.40 -6.59 -1.42
CA VAL C 210 0.74 -7.82 -0.88
C VAL C 210 1.28 -9.02 -1.62
N MET C 211 1.15 -10.16 -0.92
CA MET C 211 1.53 -11.44 -1.48
C MET C 211 0.44 -12.47 -1.14
N LYS C 212 0.19 -13.37 -2.08
CA LYS C 212 -0.84 -14.42 -1.90
C LYS C 212 -0.16 -15.71 -1.43
N SER C 213 -0.58 -16.18 -0.28
CA SER C 213 0.00 -17.40 0.24
C SER C 213 -0.44 -18.59 -0.58
N PRO C 214 0.55 -19.44 -1.00
CA PRO C 214 0.13 -20.65 -1.70
C PRO C 214 -0.30 -21.76 -0.73
N PHE C 215 -0.19 -21.53 0.54
CA PHE C 215 -0.61 -22.54 1.56
C PHE C 215 -2.04 -22.38 1.97
N ASN C 216 -2.52 -21.13 2.09
CA ASN C 216 -3.88 -20.90 2.62
C ASN C 216 -4.74 -19.99 1.75
N ASN C 217 -4.19 -19.57 0.61
CA ASN C 217 -4.94 -18.77 -0.35
C ASN C 217 -5.24 -17.35 0.14
N ARG C 218 -4.68 -16.89 1.25
CA ARG C 218 -4.92 -15.52 1.73
C ARG C 218 -3.87 -14.54 1.23
N TRP C 219 -4.31 -13.32 1.08
CA TRP C 219 -3.41 -12.19 0.88
C TRP C 219 -2.91 -11.60 2.13
N TYR C 220 -1.61 -11.36 2.17
CA TYR C 220 -0.88 -10.77 3.25
C TYR C 220 -0.17 -9.50 2.85
N GLN C 221 -0.27 -8.47 3.65
CA GLN C 221 0.45 -7.21 3.39
C GLN C 221 1.86 -7.26 3.94
N MET C 222 2.81 -7.43 3.04
CA MET C 222 4.21 -7.48 3.43
C MET C 222 4.91 -6.17 3.44
N GLY C 223 4.43 -5.17 2.66
CA GLY C 223 5.08 -3.90 2.58
C GLY C 223 4.15 -2.73 2.40
N ILE C 224 4.70 -1.53 2.61
CA ILE C 224 3.96 -0.26 2.41
C ILE C 224 4.81 0.49 1.38
N VAL C 225 4.20 1.03 0.32
CA VAL C 225 4.91 1.92 -0.61
C VAL C 225 5.51 3.06 0.14
N SER C 226 6.86 3.20 0.06
CA SER C 226 7.53 4.23 0.87
C SER C 226 8.32 5.30 0.07
N TRP C 227 9.27 4.86 -0.75
CA TRP C 227 10.15 5.78 -1.46
C TRP C 227 10.80 5.21 -2.66
N GLY C 228 11.39 6.12 -3.47
CA GLY C 228 12.21 5.65 -4.60
C GLY C 228 12.98 6.86 -5.14
N GLU C 229 13.69 6.65 -6.21
CA GLU C 229 14.41 7.77 -6.87
C GLU C 229 13.97 7.73 -8.31
N GLY C 230 13.14 8.73 -8.66
CA GLY C 230 12.46 8.64 -9.89
C GLY C 230 11.39 7.53 -9.83
N CYS C 231 10.91 7.10 -10.99
CA CYS C 231 10.02 5.91 -11.04
C CYS C 231 10.32 5.11 -12.25
N ASP C 232 10.47 3.79 -12.05
CA ASP C 232 10.70 2.82 -13.12
C ASP C 232 12.00 3.09 -13.86
N ARG C 233 12.98 3.61 -13.15
CA ARG C 233 14.30 3.80 -13.79
C ARG C 233 15.08 2.53 -13.85
N ASP C 234 15.85 2.32 -14.90
CA ASP C 234 16.68 1.13 -14.87
C ASP C 234 17.74 1.19 -13.84
N GLY C 235 17.88 0.14 -13.01
CA GLY C 235 18.84 0.08 -11.96
C GLY C 235 18.45 0.71 -10.65
N LYS C 236 17.18 1.11 -10.61
CA LYS C 236 16.54 1.57 -9.41
C LYS C 236 15.38 0.60 -9.08
N TYR C 237 14.99 0.62 -7.81
CA TYR C 237 13.98 -0.32 -7.31
C TYR C 237 13.12 0.46 -6.30
N GLY C 238 11.81 0.15 -6.29
CA GLY C 238 10.95 0.81 -5.26
C GLY C 238 11.29 0.28 -3.90
N PHE C 239 11.21 1.13 -2.93
CA PHE C 239 11.41 0.81 -1.48
C PHE C 239 10.08 0.81 -0.76
N TYR C 240 9.97 -0.19 0.13
CA TYR C 240 8.77 -0.51 0.88
C TYR C 240 9.05 -0.69 2.34
N THR C 241 8.19 -0.17 3.16
CA THR C 241 8.29 -0.41 4.64
C THR C 241 8.05 -1.85 4.86
N HIS C 242 8.90 -2.46 5.70
CA HIS C 242 8.83 -3.94 5.97
C HIS C 242 7.83 -4.13 7.15
N VAL C 243 6.61 -4.54 6.81
CA VAL C 243 5.55 -4.60 7.75
C VAL C 243 5.85 -5.56 8.95
N PHE C 244 6.29 -6.71 8.60
CA PHE C 244 6.56 -7.74 9.68
C PHE C 244 7.57 -7.21 10.71
N ARG C 245 8.62 -6.50 10.22
CA ARG C 245 9.60 -5.94 11.13
C ARG C 245 9.08 -5.00 12.07
N LEU C 246 7.99 -4.27 11.69
CA LEU C 246 7.37 -3.29 12.51
C LEU C 246 6.09 -3.77 13.26
N LYS C 247 5.83 -5.07 13.12
CA LYS C 247 4.58 -5.62 13.57
C LYS C 247 4.39 -5.52 15.15
N LYS C 248 5.47 -5.58 15.92
CA LYS C 248 5.27 -5.41 17.35
C LYS C 248 4.81 -4.02 17.72
N TRP C 249 5.23 -2.99 16.95
CA TRP C 249 4.76 -1.68 17.16
C TRP C 249 3.25 -1.65 16.77
N ILE C 250 2.93 -2.21 15.60
CA ILE C 250 1.52 -2.23 15.14
C ILE C 250 0.58 -2.81 16.28
N GLN C 251 1.02 -3.94 16.77
N GLN C 251 0.97 -3.96 16.77
CA GLN C 251 0.29 -4.70 17.80
CA GLN C 251 0.19 -4.67 17.82
C GLN C 251 0.17 -3.94 19.08
C GLN C 251 0.12 -3.85 19.09
N LYS C 252 1.20 -3.22 19.46
CA LYS C 252 1.18 -2.43 20.66
C LYS C 252 0.21 -1.29 20.55
N VAL C 253 0.12 -0.65 19.35
CA VAL C 253 -0.81 0.45 19.20
C VAL C 253 -2.24 -0.05 19.25
N ILE C 254 -2.48 -1.16 18.58
CA ILE C 254 -3.87 -1.63 18.44
C ILE C 254 -4.34 -2.16 19.82
N ASP C 255 -3.44 -2.84 20.50
CA ASP C 255 -3.79 -3.49 21.81
C ASP C 255 -4.12 -2.44 22.81
N GLN C 256 -3.38 -1.36 22.78
CA GLN C 256 -3.57 -0.27 23.71
C GLN C 256 -4.66 0.70 23.35
N PHE C 257 -4.92 0.96 22.07
CA PHE C 257 -5.85 2.04 21.70
C PHE C 257 -7.08 1.57 20.95
N GLY C 258 -7.25 0.27 20.74
CA GLY C 258 -8.16 -0.29 19.67
C GLY C 258 -9.58 -0.79 19.96
N GLU C 259 -10.37 -1.01 18.88
CA GLU C 259 -11.87 -1.26 18.92
C GLU C 259 -12.60 -1.93 17.61
#